data_4MZL
#
_entry.id   4MZL
#
_cell.length_a   49.040
_cell.length_b   58.650
_cell.length_c   59.210
_cell.angle_alpha   90.00
_cell.angle_beta   90.00
_cell.angle_gamma   90.00
#
_symmetry.space_group_name_H-M   'P 1 21 1'
#
loop_
_entity.id
_entity.type
_entity.pdbx_description
1 polymer 'Myosin A tail domain interacting protein'
2 polymer 'hydrogen bond surrogate (HBS) myoA helix mimetic'
3 water water
#
loop_
_entity_poly.entity_id
_entity_poly.type
_entity_poly.pdbx_seq_one_letter_code
_entity_poly.pdbx_strand_id
1 'polypeptide(L)'
;GSVADIQQLEEKVDESDVRIYFNEKSSGGKISIDNASYNARKLGLAPSSIDEKKIKELYGDNLTYEQYLEYLSICVHDKD
NVEELIKMFAHFDNNCTGYLTKSQMKNILTTWGDALTDQEAIDALNAFSSEDNIDYKLFCEDILQ
;
A,B
2 'polypeptide(L)' NI(X5H)SLLRVQAHIRKKMV C,D
#
# COMPACT_ATOMS: atom_id res chain seq x y z
N GLN A 8 -30.78 1.19 -4.72
CA GLN A 8 -29.63 1.16 -3.84
C GLN A 8 -28.39 0.62 -4.61
N LEU A 9 -28.64 -0.44 -5.37
CA LEU A 9 -27.72 -1.12 -6.23
C LEU A 9 -28.33 -0.98 -7.60
N GLU A 10 -29.62 -0.81 -7.64
CA GLU A 10 -30.31 -0.66 -8.90
C GLU A 10 -30.16 0.75 -9.43
N GLU A 11 -29.78 1.66 -8.57
CA GLU A 11 -29.51 3.01 -8.94
C GLU A 11 -28.32 2.93 -9.80
N LYS A 12 -27.42 2.03 -9.43
CA LYS A 12 -26.12 1.94 -10.04
C LYS A 12 -26.06 1.09 -11.31
N VAL A 13 -26.74 -0.05 -11.31
CA VAL A 13 -26.61 -1.04 -12.38
C VAL A 13 -27.97 -1.45 -13.03
N ASP A 14 -27.97 -2.09 -14.19
CA ASP A 14 -29.19 -2.53 -14.85
C ASP A 14 -29.73 -3.81 -14.25
N GLU A 15 -30.97 -3.76 -13.75
CA GLU A 15 -31.60 -4.89 -13.06
C GLU A 15 -31.71 -6.16 -13.91
N SER A 16 -32.03 -6.02 -15.19
CA SER A 16 -32.19 -7.22 -16.01
C SER A 16 -30.84 -7.82 -16.38
N ASP A 17 -29.80 -6.99 -16.52
CA ASP A 17 -28.46 -7.51 -16.78
C ASP A 17 -27.92 -8.32 -15.61
N VAL A 18 -28.29 -7.91 -14.40
CA VAL A 18 -27.90 -8.65 -13.22
C VAL A 18 -28.36 -10.11 -13.36
N ARG A 19 -29.60 -10.30 -13.79
CA ARG A 19 -30.18 -11.64 -13.95
C ARG A 19 -29.62 -12.36 -15.19
N ILE A 20 -29.48 -11.64 -16.29
CA ILE A 20 -28.93 -12.23 -17.52
C ILE A 20 -27.51 -12.76 -17.31
N TYR A 21 -26.66 -11.93 -16.71
CA TYR A 21 -25.28 -12.37 -16.48
C TYR A 21 -25.25 -13.55 -15.51
N PHE A 22 -26.09 -13.50 -14.48
CA PHE A 22 -26.22 -14.67 -13.61
C PHE A 22 -26.54 -15.95 -14.38
N ASN A 23 -27.57 -15.91 -15.23
CA ASN A 23 -27.96 -17.07 -16.00
C ASN A 23 -26.87 -17.52 -16.97
N GLU A 24 -26.07 -16.57 -17.45
CA GLU A 24 -24.97 -16.89 -18.37
C GLU A 24 -23.91 -17.74 -17.70
N LYS A 25 -23.75 -17.58 -16.39
CA LYS A 25 -22.63 -18.21 -15.68
C LYS A 25 -23.03 -19.21 -14.61
N SER A 26 -24.33 -19.34 -14.32
CA SER A 26 -24.73 -20.13 -13.15
C SER A 26 -24.60 -21.62 -13.47
N SER A 27 -24.50 -22.43 -12.43
CA SER A 27 -24.37 -23.87 -12.59
C SER A 27 -25.01 -24.52 -11.38
N GLY A 28 -26.13 -25.22 -11.60
CA GLY A 28 -26.86 -25.81 -10.49
C GLY A 28 -27.53 -24.71 -9.68
N GLY A 29 -27.89 -23.62 -10.37
CA GLY A 29 -28.50 -22.50 -9.69
C GLY A 29 -27.54 -21.69 -8.83
N LYS A 30 -26.25 -21.98 -8.94
CA LYS A 30 -25.26 -21.21 -8.19
C LYS A 30 -24.17 -20.62 -9.06
N ILE A 31 -23.51 -19.58 -8.55
CA ILE A 31 -22.46 -18.94 -9.33
C ILE A 31 -21.18 -18.87 -8.51
N SER A 32 -20.04 -19.15 -9.16
CA SER A 32 -18.75 -19.08 -8.47
C SER A 32 -18.39 -17.64 -8.17
N ILE A 33 -17.50 -17.42 -7.20
CA ILE A 33 -17.07 -16.06 -6.86
C ILE A 33 -16.38 -15.43 -8.06
N ASP A 34 -15.54 -16.18 -8.77
CA ASP A 34 -14.87 -15.66 -9.94
C ASP A 34 -15.84 -15.22 -11.04
N ASN A 35 -16.90 -15.99 -11.26
CA ASN A 35 -17.88 -15.58 -12.25
C ASN A 35 -18.71 -14.42 -11.74
N ALA A 36 -18.97 -14.41 -10.44
CA ALA A 36 -19.70 -13.29 -9.84
C ALA A 36 -18.91 -11.97 -9.96
N SER A 37 -17.60 -12.04 -9.79
CA SER A 37 -16.76 -10.84 -9.95
C SER A 37 -16.69 -10.40 -11.42
N TYR A 38 -16.60 -11.36 -12.32
CA TYR A 38 -16.68 -11.08 -13.76
C TYR A 38 -17.98 -10.33 -14.10
N ASN A 39 -19.10 -10.88 -13.66
CA ASN A 39 -20.40 -10.24 -13.84
C ASN A 39 -20.44 -8.83 -13.27
N ALA A 40 -19.91 -8.66 -12.06
CA ALA A 40 -19.88 -7.37 -11.37
C ALA A 40 -19.16 -6.34 -12.26
N ARG A 41 -18.05 -6.77 -12.84
CA ARG A 41 -17.28 -5.92 -13.74
C ARG A 41 -18.03 -5.55 -15.00
N LYS A 42 -18.74 -6.52 -15.59
CA LYS A 42 -19.57 -6.25 -16.76
C LYS A 42 -20.67 -5.25 -16.46
N LEU A 43 -21.22 -5.34 -15.26
CA LEU A 43 -22.26 -4.42 -14.80
C LEU A 43 -21.68 -3.03 -14.50
N GLY A 44 -20.36 -2.90 -14.55
CA GLY A 44 -19.71 -1.63 -14.27
C GLY A 44 -19.29 -1.42 -12.81
N LEU A 45 -19.15 -2.50 -12.06
CA LEU A 45 -18.70 -2.44 -10.66
C LEU A 45 -17.23 -2.84 -10.54
N ALA A 46 -16.61 -2.53 -9.40
CA ALA A 46 -15.18 -2.76 -9.26
C ALA A 46 -14.81 -3.51 -7.98
N PRO A 47 -14.97 -4.85 -8.00
CA PRO A 47 -14.53 -5.67 -6.85
C PRO A 47 -13.02 -5.74 -6.70
N SER A 48 -12.52 -5.78 -5.47
CA SER A 48 -11.14 -6.14 -5.18
C SER A 48 -11.08 -7.50 -4.49
N SER A 49 -9.89 -7.98 -4.18
CA SER A 49 -9.73 -9.22 -3.43
C SER A 49 -10.40 -9.13 -2.05
N ILE A 50 -10.53 -7.92 -1.52
CA ILE A 50 -11.17 -7.75 -0.21
C ILE A 50 -12.64 -8.12 -0.29
N ASP A 51 -13.30 -7.69 -1.36
CA ASP A 51 -14.69 -8.02 -1.58
C ASP A 51 -14.83 -9.53 -1.78
N GLU A 52 -13.93 -10.11 -2.57
CA GLU A 52 -13.97 -11.55 -2.80
C GLU A 52 -13.73 -12.38 -1.53
N LYS A 53 -12.78 -11.98 -0.69
CA LYS A 53 -12.54 -12.69 0.56
C LYS A 53 -13.74 -12.55 1.48
N LYS A 54 -14.40 -11.40 1.43
CA LYS A 54 -15.54 -11.14 2.31
C LYS A 54 -16.75 -12.01 1.99
N ILE A 55 -17.03 -12.22 0.71
CA ILE A 55 -18.21 -12.98 0.35
C ILE A 55 -17.97 -14.47 0.60
N LYS A 56 -16.72 -14.88 0.42
CA LYS A 56 -16.32 -16.26 0.67
C LYS A 56 -16.43 -16.60 2.15
N GLU A 57 -16.10 -15.64 3.02
CA GLU A 57 -16.17 -15.90 4.46
C GLU A 57 -17.62 -16.04 4.90
N LEU A 58 -18.52 -15.31 4.26
CA LEU A 58 -19.95 -15.42 4.52
C LEU A 58 -20.58 -16.70 3.99
N TYR A 59 -20.27 -17.06 2.74
CA TYR A 59 -21.08 -18.06 2.03
C TYR A 59 -20.34 -19.21 1.38
N GLY A 60 -19.01 -19.11 1.27
CA GLY A 60 -18.23 -20.13 0.57
C GLY A 60 -18.04 -19.72 -0.89
N ASP A 61 -17.68 -20.68 -1.75
CA ASP A 61 -17.25 -20.40 -3.14
C ASP A 61 -18.35 -20.29 -4.17
N ASN A 62 -19.54 -20.76 -3.82
CA ASN A 62 -20.65 -20.82 -4.76
C ASN A 62 -21.87 -20.16 -4.20
N LEU A 63 -22.33 -19.11 -4.88
CA LEU A 63 -23.38 -18.25 -4.37
C LEU A 63 -24.72 -18.56 -5.03
N THR A 64 -25.76 -18.59 -4.21
CA THR A 64 -27.13 -18.60 -4.71
C THR A 64 -27.38 -17.26 -5.36
N TYR A 65 -28.51 -17.13 -6.04
CA TYR A 65 -28.86 -15.86 -6.68
C TYR A 65 -28.92 -14.73 -5.65
N GLU A 66 -29.56 -14.99 -4.51
CA GLU A 66 -29.69 -13.97 -3.47
C GLU A 66 -28.34 -13.60 -2.85
N GLN A 67 -27.45 -14.57 -2.65
CA GLN A 67 -26.12 -14.24 -2.11
C GLN A 67 -25.31 -13.43 -3.12
N TYR A 68 -25.59 -13.69 -4.40
CA TYR A 68 -24.93 -13.00 -5.51
C TYR A 68 -25.34 -11.53 -5.55
N LEU A 69 -26.62 -11.26 -5.28
CA LEU A 69 -27.10 -9.89 -5.21
C LEU A 69 -26.46 -9.16 -4.03
N GLU A 70 -26.30 -9.87 -2.93
CA GLU A 70 -25.63 -9.31 -1.76
C GLU A 70 -24.20 -8.92 -2.15
N TYR A 71 -23.50 -9.82 -2.83
CA TYR A 71 -22.13 -9.57 -3.28
C TYR A 71 -22.05 -8.31 -4.17
N LEU A 72 -22.99 -8.19 -5.10
CA LEU A 72 -23.03 -7.00 -5.95
C LEU A 72 -23.16 -5.71 -5.13
N SER A 73 -23.97 -5.63 -4.03
CA SER A 73 -24.13 -4.45 -3.20
C SER A 73 -22.83 -4.13 -2.47
N ILE A 74 -22.15 -5.23 -2.15
CA ILE A 74 -20.82 -5.08 -1.53
C ILE A 74 -19.82 -4.44 -2.52
N CYS A 75 -20.03 -4.67 -3.82
CA CYS A 75 -19.08 -4.18 -4.81
C CYS A 75 -19.39 -2.77 -5.30
N VAL A 76 -20.44 -2.15 -4.78
CA VAL A 76 -20.86 -0.84 -5.27
C VAL A 76 -19.78 0.22 -5.00
N HIS A 77 -19.25 0.22 -3.78
CA HIS A 77 -18.16 1.12 -3.42
C HIS A 77 -18.44 2.58 -3.76
N ASP A 78 -19.59 3.08 -3.32
CA ASP A 78 -20.02 4.41 -3.75
C ASP A 78 -19.09 5.51 -3.20
N LYS A 79 -18.14 5.13 -2.35
CA LYS A 79 -17.20 6.11 -1.80
C LYS A 79 -15.99 6.38 -2.72
N ASP A 80 -15.79 5.52 -3.72
CA ASP A 80 -14.69 5.73 -4.67
C ASP A 80 -14.77 7.08 -5.33
N ASN A 81 -13.64 7.76 -5.45
CA ASN A 81 -13.56 9.00 -6.21
C ASN A 81 -12.10 9.32 -6.55
N VAL A 82 -11.83 10.45 -7.18
CA VAL A 82 -10.45 10.74 -7.57
C VAL A 82 -9.51 10.92 -6.40
N GLU A 83 -9.96 11.73 -5.42
CA GLU A 83 -9.21 11.98 -4.20
C GLU A 83 -8.76 10.66 -3.56
N GLU A 84 -9.68 9.70 -3.50
CA GLU A 84 -9.35 8.41 -2.90
C GLU A 84 -8.36 7.66 -3.76
N LEU A 85 -8.61 7.64 -5.06
CA LEU A 85 -7.81 6.80 -5.98
C LEU A 85 -6.34 7.22 -6.18
N ILE A 86 -6.07 8.52 -6.15
CA ILE A 86 -4.73 8.96 -6.56
C ILE A 86 -3.67 8.81 -5.49
N LYS A 87 -4.07 8.44 -4.27
CA LYS A 87 -3.16 8.56 -3.12
C LYS A 87 -1.80 7.89 -3.32
N MET A 88 -1.80 6.68 -3.85
CA MET A 88 -0.58 5.94 -4.07
C MET A 88 0.31 6.61 -5.12
N PHE A 89 -0.32 7.09 -6.19
CA PHE A 89 0.39 7.78 -7.26
C PHE A 89 1.00 9.09 -6.77
N ALA A 90 0.21 9.89 -6.05
CA ALA A 90 0.67 11.18 -5.54
C ALA A 90 1.88 10.99 -4.63
N HIS A 91 1.85 9.89 -3.89
CA HIS A 91 2.91 9.58 -2.96
C HIS A 91 4.24 9.41 -3.68
N PHE A 92 4.19 8.90 -4.89
CA PHE A 92 5.42 8.73 -5.68
C PHE A 92 5.78 9.99 -6.45
N ASP A 93 4.84 10.93 -6.47
CA ASP A 93 5.04 12.19 -7.18
C ASP A 93 5.73 13.16 -6.22
N ASN A 94 7.00 12.88 -5.95
CA ASN A 94 7.76 13.62 -4.96
C ASN A 94 7.77 15.11 -5.24
N ASN A 95 8.04 15.49 -6.49
CA ASN A 95 8.13 16.91 -6.84
C ASN A 95 6.75 17.56 -7.04
N CYS A 96 5.70 16.78 -6.85
CA CYS A 96 4.31 17.27 -6.91
C CYS A 96 3.90 17.85 -8.27
N THR A 97 4.34 17.21 -9.34
CA THR A 97 4.09 17.75 -10.67
C THR A 97 2.67 17.44 -11.15
N GLY A 98 2.07 16.38 -10.62
CA GLY A 98 0.80 15.88 -11.13
C GLY A 98 0.99 14.81 -12.20
N TYR A 99 2.24 14.49 -12.51
CA TYR A 99 2.56 13.48 -13.54
C TYR A 99 3.43 12.35 -13.00
N LEU A 100 3.31 11.19 -13.64
CA LEU A 100 4.24 10.09 -13.48
C LEU A 100 4.47 9.52 -14.87
N THR A 101 5.62 8.91 -15.11
CA THR A 101 5.86 8.24 -16.39
C THR A 101 5.10 6.92 -16.42
N LYS A 102 4.92 6.39 -17.63
CA LYS A 102 4.26 5.12 -17.78
C LYS A 102 4.99 4.02 -17.04
N SER A 103 6.33 4.08 -17.09
CA SER A 103 7.15 3.09 -16.37
C SER A 103 6.91 3.14 -14.85
N GLN A 104 6.84 4.35 -14.31
CA GLN A 104 6.59 4.52 -12.87
C GLN A 104 5.22 3.97 -12.52
N MET A 105 4.24 4.26 -13.36
CA MET A 105 2.90 3.76 -13.10
C MET A 105 2.76 2.25 -13.25
N LYS A 106 3.46 1.70 -14.22
CA LYS A 106 3.41 0.26 -14.44
C LYS A 106 4.05 -0.44 -13.23
N ASN A 107 5.17 0.10 -12.75
CA ASN A 107 5.84 -0.47 -11.58
C ASN A 107 4.92 -0.50 -10.35
N ILE A 108 4.19 0.59 -10.14
CA ILE A 108 3.28 0.68 -9.01
C ILE A 108 2.14 -0.32 -9.12
N LEU A 109 1.58 -0.46 -10.32
CA LEU A 109 0.41 -1.30 -10.52
C LEU A 109 0.73 -2.79 -10.48
N THR A 110 1.98 -3.14 -10.80
CA THR A 110 2.36 -4.53 -10.97
C THR A 110 3.12 -5.04 -9.77
N THR A 111 3.48 -4.16 -8.85
CA THR A 111 4.36 -4.57 -7.75
C THR A 111 3.61 -4.76 -6.43
N TRP A 112 2.55 -4.00 -6.22
CA TRP A 112 1.88 -3.99 -4.92
C TRP A 112 0.38 -4.30 -5.04
N GLY A 113 -0.27 -4.54 -3.90
CA GLY A 113 -1.71 -4.70 -3.81
C GLY A 113 -2.27 -5.89 -4.59
N ASP A 114 -3.39 -5.70 -5.27
CA ASP A 114 -3.92 -6.73 -6.17
C ASP A 114 -3.21 -6.62 -7.51
N ALA A 115 -1.91 -6.85 -7.51
CA ALA A 115 -1.02 -6.51 -8.64
C ALA A 115 -1.54 -6.97 -10.01
N LEU A 116 -1.44 -6.08 -10.99
CA LEU A 116 -1.78 -6.42 -12.36
C LEU A 116 -0.58 -7.16 -12.97
N THR A 117 -0.81 -7.96 -14.02
CA THR A 117 0.31 -8.46 -14.83
C THR A 117 0.89 -7.27 -15.59
N ASP A 118 2.11 -7.44 -16.10
CA ASP A 118 2.77 -6.37 -16.84
C ASP A 118 1.92 -5.92 -18.02
N GLN A 119 1.39 -6.89 -18.76
CA GLN A 119 0.56 -6.60 -19.93
C GLN A 119 -0.70 -5.84 -19.53
N GLU A 120 -1.34 -6.30 -18.46
CA GLU A 120 -2.57 -5.66 -17.98
C GLU A 120 -2.34 -4.17 -17.70
N ALA A 121 -1.21 -3.86 -17.08
CA ALA A 121 -0.86 -2.48 -16.74
C ALA A 121 -0.55 -1.68 -18.01
N ILE A 122 0.18 -2.32 -18.92
CA ILE A 122 0.59 -1.68 -20.17
C ILE A 122 -0.64 -1.35 -21.02
N ASP A 123 -1.55 -2.31 -21.14
CA ASP A 123 -2.78 -2.08 -21.90
C ASP A 123 -3.54 -0.92 -21.31
N ALA A 124 -3.61 -0.86 -19.99
CA ALA A 124 -4.44 0.15 -19.32
C ALA A 124 -3.85 1.55 -19.52
N LEU A 125 -2.53 1.64 -19.38
CA LEU A 125 -1.85 2.91 -19.55
C LEU A 125 -1.85 3.36 -21.01
N ASN A 126 -1.62 2.43 -21.93
CA ASN A 126 -1.72 2.75 -23.35
C ASN A 126 -3.12 3.15 -23.78
N ALA A 127 -4.15 2.54 -23.18
CA ALA A 127 -5.53 2.87 -23.50
C ALA A 127 -5.84 4.32 -23.14
N PHE A 128 -5.19 4.82 -22.10
CA PHE A 128 -5.39 6.19 -21.66
C PHE A 128 -4.63 7.18 -22.52
N SER A 129 -3.38 6.88 -22.83
CA SER A 129 -2.54 7.88 -23.52
C SER A 129 -1.42 7.26 -24.34
N SER A 130 -1.04 7.93 -25.43
CA SER A 130 0.10 7.53 -26.22
C SER A 130 1.36 8.26 -25.74
N GLU A 131 1.19 9.18 -24.78
CA GLU A 131 2.32 9.96 -24.25
C GLU A 131 2.99 9.29 -23.08
N ASP A 132 4.27 9.59 -22.85
CA ASP A 132 5.00 8.89 -21.80
C ASP A 132 4.67 9.44 -20.39
N ASN A 133 4.38 10.73 -20.30
CA ASN A 133 4.05 11.35 -19.02
C ASN A 133 2.55 11.41 -18.81
N ILE A 134 2.12 10.84 -17.68
CA ILE A 134 0.70 10.60 -17.43
C ILE A 134 0.21 11.50 -16.31
N ASP A 135 -0.84 12.27 -16.58
CA ASP A 135 -1.64 12.98 -15.60
C ASP A 135 -2.51 11.94 -14.84
N TYR A 136 -2.01 11.54 -13.67
CA TYR A 136 -2.60 10.43 -12.94
C TYR A 136 -3.94 10.79 -12.38
N LYS A 137 -4.18 12.07 -12.22
CA LYS A 137 -5.52 12.45 -11.80
C LYS A 137 -6.51 12.22 -12.93
N LEU A 138 -6.17 12.63 -14.14
CA LEU A 138 -7.04 12.33 -15.27
C LEU A 138 -7.09 10.84 -15.59
N PHE A 139 -5.99 10.12 -15.37
CA PHE A 139 -6.01 8.66 -15.56
C PHE A 139 -7.01 8.03 -14.61
N CYS A 140 -7.01 8.50 -13.36
CA CYS A 140 -8.00 8.03 -12.38
C CYS A 140 -9.43 8.40 -12.74
N GLU A 141 -9.66 9.63 -13.19
CA GLU A 141 -11.02 9.99 -13.65
C GLU A 141 -11.50 9.03 -14.72
N ASP A 142 -10.60 8.69 -15.63
CA ASP A 142 -10.92 7.84 -16.77
C ASP A 142 -11.27 6.40 -16.40
N ILE A 143 -10.54 5.80 -15.45
CA ILE A 143 -10.84 4.42 -15.06
C ILE A 143 -12.11 4.34 -14.22
N LEU A 144 -12.45 5.45 -13.57
CA LEU A 144 -13.65 5.50 -12.73
C LEU A 144 -14.92 5.50 -13.57
N GLN A 145 -14.77 5.82 -14.85
CA GLN A 145 -15.91 5.85 -15.76
C GLN A 145 -16.44 4.45 -16.05
N GLN B 8 23.24 6.29 -5.99
CA GLN B 8 22.44 5.29 -5.35
C GLN B 8 21.55 5.92 -4.32
N LEU B 9 22.18 6.63 -3.40
CA LEU B 9 21.45 7.40 -2.42
C LEU B 9 20.65 8.45 -3.17
N GLU B 10 21.27 9.13 -4.13
CA GLU B 10 20.57 10.13 -4.92
C GLU B 10 19.46 9.55 -5.82
N GLU B 11 19.47 8.27 -5.99
CA GLU B 11 18.44 7.67 -6.80
C GLU B 11 17.33 7.24 -5.88
N LYS B 12 17.66 7.15 -4.62
CA LYS B 12 16.63 6.83 -3.63
C LYS B 12 16.05 8.10 -3.01
N VAL B 13 16.91 9.09 -2.74
CA VAL B 13 16.44 10.32 -2.11
C VAL B 13 16.78 11.56 -2.93
N ASP B 14 16.13 12.67 -2.60
CA ASP B 14 16.38 13.94 -3.27
C ASP B 14 17.65 14.61 -2.75
N GLU B 15 18.60 14.84 -3.66
CA GLU B 15 19.92 15.35 -3.31
C GLU B 15 19.88 16.71 -2.63
N SER B 16 18.95 17.58 -3.04
CA SER B 16 18.95 18.92 -2.47
C SER B 16 18.33 18.91 -1.07
N ASP B 17 17.30 18.08 -0.86
CA ASP B 17 16.71 17.91 0.46
C ASP B 17 17.70 17.37 1.48
N VAL B 18 18.61 16.51 1.03
CA VAL B 18 19.66 16.01 1.92
C VAL B 18 20.41 17.20 2.55
N ARG B 19 20.71 18.19 1.72
CA ARG B 19 21.48 19.37 2.16
C ARG B 19 20.60 20.34 2.94
N ILE B 20 19.35 20.54 2.48
CA ILE B 20 18.41 21.42 3.16
C ILE B 20 18.16 20.94 4.58
N TYR B 21 17.83 19.65 4.72
CA TYR B 21 17.50 19.12 6.03
C TYR B 21 18.73 19.19 6.93
N PHE B 22 19.91 18.93 6.37
CA PHE B 22 21.13 19.09 7.15
C PHE B 22 21.22 20.51 7.71
N ASN B 23 21.05 21.52 6.86
CA ASN B 23 21.16 22.92 7.28
C ASN B 23 20.11 23.29 8.31
N GLU B 24 18.92 22.71 8.20
CA GLU B 24 17.82 22.94 9.15
C GLU B 24 18.20 22.52 10.57
N LYS B 25 19.07 21.52 10.67
CA LYS B 25 19.32 20.86 11.96
C LYS B 25 20.77 20.97 12.44
N SER B 26 21.67 21.44 11.60
CA SER B 26 23.08 21.40 11.97
C SER B 26 23.39 22.42 13.03
N SER B 27 24.49 22.21 13.74
CA SER B 27 24.93 23.14 14.77
C SER B 27 26.43 23.05 14.82
N GLY B 28 27.10 24.15 14.45
CA GLY B 28 28.55 24.18 14.41
C GLY B 28 29.04 23.31 13.27
N GLY B 29 28.25 23.25 12.21
CA GLY B 29 28.59 22.42 11.06
C GLY B 29 28.40 20.91 11.30
N LYS B 30 27.78 20.55 12.42
CA LYS B 30 27.56 19.13 12.71
C LYS B 30 26.11 18.81 13.01
N ILE B 31 25.76 17.54 12.87
CA ILE B 31 24.40 17.14 13.17
C ILE B 31 24.39 15.98 14.16
N SER B 32 23.46 16.00 15.12
CA SER B 32 23.32 14.90 16.07
C SER B 32 22.76 13.67 15.37
N ILE B 33 22.98 12.50 15.97
CA ILE B 33 22.48 11.27 15.39
C ILE B 33 20.94 11.30 15.37
N ASP B 34 20.32 11.79 16.44
CA ASP B 34 18.88 11.93 16.49
C ASP B 34 18.33 12.83 15.39
N ASN B 35 19.01 13.94 15.13
CA ASN B 35 18.55 14.79 14.03
C ASN B 35 18.84 14.16 12.68
N ALA B 36 19.97 13.44 12.58
CA ALA B 36 20.27 12.75 11.32
C ALA B 36 19.22 11.66 11.03
N SER B 37 18.78 10.95 12.06
CA SER B 37 17.75 9.92 11.87
C SER B 37 16.43 10.58 11.48
N TYR B 38 16.11 11.70 12.11
CA TYR B 38 14.93 12.49 11.75
C TYR B 38 14.94 12.85 10.27
N ASN B 39 16.07 13.41 9.83
CA ASN B 39 16.27 13.78 8.44
C ASN B 39 16.13 12.59 7.50
N ALA B 40 16.76 11.47 7.86
CA ALA B 40 16.70 10.24 7.10
C ALA B 40 15.24 9.84 6.88
N ARG B 41 14.43 9.94 7.93
CA ARG B 41 13.01 9.61 7.84
C ARG B 41 12.27 10.55 6.92
N LYS B 42 12.55 11.85 7.04
CA LYS B 42 11.93 12.83 6.13
C LYS B 42 12.25 12.55 4.67
N LEU B 43 13.47 12.11 4.42
CA LEU B 43 13.92 11.76 3.07
C LEU B 43 13.32 10.44 2.60
N GLY B 44 12.60 9.75 3.48
CA GLY B 44 11.94 8.50 3.12
C GLY B 44 12.77 7.26 3.42
N LEU B 45 13.74 7.36 4.32
CA LEU B 45 14.57 6.22 4.71
C LEU B 45 14.12 5.69 6.07
N ALA B 46 14.53 4.47 6.42
CA ALA B 46 14.07 3.82 7.67
C ALA B 46 15.20 3.30 8.57
N PRO B 47 15.81 4.19 9.37
CA PRO B 47 16.85 3.76 10.30
C PRO B 47 16.26 2.99 11.49
N SER B 48 17.01 2.01 11.99
CA SER B 48 16.70 1.36 13.28
C SER B 48 17.78 1.73 14.29
N SER B 49 17.63 1.26 15.52
CA SER B 49 18.67 1.44 16.55
C SER B 49 19.99 0.83 16.11
N ILE B 50 19.95 -0.17 15.23
CA ILE B 50 21.19 -0.80 14.78
C ILE B 50 22.02 0.16 13.96
N ASP B 51 21.34 0.93 13.11
CA ASP B 51 22.00 1.91 12.27
C ASP B 51 22.55 3.01 13.15
N GLU B 52 21.77 3.40 14.15
CA GLU B 52 22.21 4.48 15.03
C GLU B 52 23.40 4.07 15.87
N LYS B 53 23.38 2.85 16.39
CA LYS B 53 24.53 2.34 17.14
C LYS B 53 25.76 2.22 16.26
N LYS B 54 25.52 1.89 15.00
CA LYS B 54 26.63 1.70 14.06
C LYS B 54 27.37 3.00 13.72
N ILE B 55 26.62 4.08 13.51
CA ILE B 55 27.25 5.35 13.13
C ILE B 55 27.92 5.99 14.34
N LYS B 56 27.36 5.75 15.53
CA LYS B 56 27.95 6.23 16.77
C LYS B 56 29.29 5.56 17.04
N GLU B 57 29.38 4.28 16.70
CA GLU B 57 30.62 3.55 16.95
C GLU B 57 31.74 4.06 16.04
N LEU B 58 31.35 4.47 14.83
CA LEU B 58 32.29 5.02 13.86
C LEU B 58 32.75 6.44 14.20
N TYR B 59 31.81 7.30 14.57
CA TYR B 59 32.05 8.75 14.55
C TYR B 59 31.71 9.48 15.87
N GLY B 60 30.93 8.88 16.73
CA GLY B 60 30.44 9.59 17.90
C GLY B 60 29.07 10.17 17.68
N ASP B 61 28.63 11.11 18.51
CA ASP B 61 27.26 11.63 18.50
C ASP B 61 26.97 12.73 17.49
N ASN B 62 28.02 13.37 17.00
CA ASN B 62 27.85 14.52 16.14
C ASN B 62 28.58 14.36 14.83
N LEU B 63 27.82 14.37 13.75
CA LEU B 63 28.35 14.02 12.44
C LEU B 63 28.61 15.27 11.60
N THR B 64 29.77 15.30 10.95
CA THR B 64 30.03 16.26 9.89
C THR B 64 29.08 15.96 8.72
N TYR B 65 29.07 16.84 7.74
CA TYR B 65 28.20 16.66 6.59
C TYR B 65 28.53 15.34 5.87
N GLU B 66 29.82 15.06 5.70
CA GLU B 66 30.23 13.85 5.01
C GLU B 66 29.92 12.57 5.81
N GLN B 67 30.03 12.64 7.13
CA GLN B 67 29.70 11.47 7.95
C GLN B 67 28.18 11.25 7.90
N TYR B 68 27.45 12.34 7.81
CA TYR B 68 26.00 12.32 7.69
C TYR B 68 25.55 11.62 6.40
N LEU B 69 26.25 11.89 5.30
CA LEU B 69 25.97 11.26 4.02
C LEU B 69 26.24 9.76 4.08
N GLU B 70 27.29 9.41 4.81
CA GLU B 70 27.62 8.01 5.05
C GLU B 70 26.48 7.32 5.79
N TYR B 71 26.01 7.97 6.85
CA TYR B 71 24.89 7.48 7.64
C TYR B 71 23.65 7.25 6.77
N LEU B 72 23.34 8.22 5.93
CA LEU B 72 22.20 8.13 5.03
C LEU B 72 22.25 6.85 4.22
N SER B 73 23.39 6.62 3.56
CA SER B 73 23.58 5.41 2.76
C SER B 73 23.29 4.17 3.58
N ILE B 74 23.86 4.12 4.78
CA ILE B 74 23.64 2.99 5.71
C ILE B 74 22.14 2.76 5.92
N CYS B 75 21.37 3.84 5.89
CA CYS B 75 19.94 3.74 6.17
C CYS B 75 19.12 3.38 4.94
N VAL B 76 19.77 3.12 3.81
CA VAL B 76 19.02 2.85 2.58
C VAL B 76 18.27 1.55 2.67
N HIS B 77 18.96 0.51 3.13
CA HIS B 77 18.35 -0.81 3.37
C HIS B 77 17.61 -1.34 2.14
N ASP B 78 18.28 -1.35 1.00
CA ASP B 78 17.61 -1.72 -0.25
C ASP B 78 17.14 -3.19 -0.26
N LYS B 79 17.48 -3.95 0.79
CA LYS B 79 17.01 -5.32 0.90
C LYS B 79 15.62 -5.48 1.53
N ASP B 80 15.12 -4.41 2.13
CA ASP B 80 13.80 -4.44 2.77
C ASP B 80 12.72 -4.85 1.79
N ASN B 81 11.92 -5.84 2.17
CA ASN B 81 10.85 -6.34 1.31
C ASN B 81 9.74 -7.02 2.13
N VAL B 82 8.52 -7.01 1.58
CA VAL B 82 7.38 -7.63 2.24
C VAL B 82 7.78 -8.95 2.89
N GLU B 83 8.38 -9.83 2.11
CA GLU B 83 8.81 -11.14 2.61
C GLU B 83 9.60 -11.00 3.90
N GLU B 84 10.55 -10.06 3.91
CA GLU B 84 11.38 -9.83 5.08
C GLU B 84 10.52 -9.29 6.22
N LEU B 85 9.65 -8.34 5.91
CA LEU B 85 8.95 -7.60 6.96
C LEU B 85 7.89 -8.39 7.74
N ILE B 86 7.22 -9.31 7.07
CA ILE B 86 6.08 -9.95 7.73
C ILE B 86 6.46 -11.05 8.71
N LYS B 87 7.74 -11.43 8.76
CA LYS B 87 8.13 -12.66 9.45
C LYS B 87 7.58 -12.77 10.87
N MET B 88 7.75 -11.70 11.65
CA MET B 88 7.30 -11.69 13.05
C MET B 88 5.80 -11.88 13.13
N PHE B 89 5.06 -11.18 12.27
CA PHE B 89 3.60 -11.27 12.22
C PHE B 89 3.12 -12.66 11.83
N ALA B 90 3.72 -13.21 10.79
CA ALA B 90 3.34 -14.54 10.30
C ALA B 90 3.55 -15.57 11.40
N HIS B 91 4.63 -15.41 12.15
CA HIS B 91 4.96 -16.29 13.26
C HIS B 91 3.85 -16.36 14.29
N PHE B 92 3.13 -15.27 14.50
CA PHE B 92 2.03 -15.24 15.46
C PHE B 92 0.73 -15.70 14.82
N ASP B 93 0.74 -15.78 13.50
CA ASP B 93 -0.43 -16.23 12.74
C ASP B 93 -0.42 -17.75 12.67
N ASN B 94 -0.73 -18.35 13.82
CA ASN B 94 -0.66 -19.79 13.99
C ASN B 94 -1.51 -20.51 12.96
N ASN B 95 -2.76 -20.09 12.82
CA ASN B 95 -3.68 -20.74 11.89
C ASN B 95 -3.44 -20.35 10.43
N CYS B 96 -2.46 -19.49 10.19
CA CYS B 96 -2.07 -19.12 8.81
C CYS B 96 -3.19 -18.45 8.01
N THR B 97 -3.97 -17.60 8.67
CA THR B 97 -5.08 -16.90 8.04
C THR B 97 -4.65 -15.72 7.17
N GLY B 98 -3.49 -15.13 7.48
CA GLY B 98 -3.08 -13.90 6.80
C GLY B 98 -3.50 -12.65 7.58
N TYR B 99 -4.21 -12.86 8.69
CA TYR B 99 -4.71 -11.76 9.51
C TYR B 99 -4.22 -11.82 10.96
N LEU B 100 -4.14 -10.65 11.59
CA LEU B 100 -3.98 -10.52 13.04
C LEU B 100 -4.90 -9.38 13.48
N THR B 101 -5.37 -9.44 14.72
CA THR B 101 -6.17 -8.31 15.23
C THR B 101 -5.25 -7.14 15.54
N LYS B 102 -5.83 -5.95 15.60
CA LYS B 102 -5.10 -4.75 15.98
C LYS B 102 -4.45 -4.92 17.33
N SER B 103 -5.14 -5.57 18.26
CA SER B 103 -4.57 -5.81 19.59
C SER B 103 -3.32 -6.70 19.54
N GLN B 104 -3.39 -7.76 18.73
CA GLN B 104 -2.24 -8.66 18.56
C GLN B 104 -1.06 -7.90 17.96
N MET B 105 -1.34 -7.07 16.96
CA MET B 105 -0.27 -6.34 16.33
C MET B 105 0.31 -5.27 17.23
N LYS B 106 -0.55 -4.58 17.96
CA LYS B 106 -0.10 -3.56 18.90
C LYS B 106 0.82 -4.19 19.93
N ASN B 107 0.43 -5.36 20.43
CA ASN B 107 1.26 -6.07 21.42
C ASN B 107 2.63 -6.44 20.86
N ILE B 108 2.67 -6.89 19.62
CA ILE B 108 3.95 -7.21 18.98
C ILE B 108 4.83 -5.96 18.81
N LEU B 109 4.22 -4.86 18.39
CA LEU B 109 4.98 -3.65 18.08
C LEU B 109 5.46 -2.91 19.31
N THR B 110 4.78 -3.11 20.43
CA THR B 110 5.07 -2.35 21.64
C THR B 110 5.86 -3.14 22.67
N THR B 111 6.04 -4.43 22.42
CA THR B 111 6.63 -5.30 23.44
C THR B 111 8.08 -5.68 23.12
N TRP B 112 8.43 -5.76 21.84
CA TRP B 112 9.72 -6.27 21.42
C TRP B 112 10.49 -5.30 20.53
N GLY B 113 11.79 -5.55 20.36
CA GLY B 113 12.59 -4.83 19.38
C GLY B 113 12.76 -3.35 19.72
N ASP B 114 12.71 -2.48 18.71
CA ASP B 114 12.73 -1.04 18.93
C ASP B 114 11.32 -0.60 19.24
N ALA B 115 10.82 -1.03 20.40
CA ALA B 115 9.37 -0.99 20.70
C ALA B 115 8.72 0.39 20.48
N LEU B 116 7.53 0.40 19.87
CA LEU B 116 6.76 1.63 19.73
C LEU B 116 6.03 1.95 21.05
N THR B 117 5.65 3.21 21.29
CA THR B 117 4.75 3.51 22.41
C THR B 117 3.37 2.98 21.99
N ASP B 118 2.49 2.77 22.96
CA ASP B 118 1.15 2.28 22.69
C ASP B 118 0.45 3.15 21.66
N GLN B 119 0.54 4.46 21.82
CA GLN B 119 -0.08 5.40 20.91
C GLN B 119 0.46 5.23 19.49
N GLU B 120 1.78 5.37 19.35
CA GLU B 120 2.43 5.23 18.04
C GLU B 120 1.91 4.00 17.29
N ALA B 121 1.79 2.87 17.98
CA ALA B 121 1.36 1.64 17.34
C ALA B 121 -0.10 1.80 16.93
N ILE B 122 -0.90 2.38 17.82
CA ILE B 122 -2.32 2.60 17.55
C ILE B 122 -2.52 3.52 16.35
N ASP B 123 -1.75 4.61 16.29
CA ASP B 123 -1.86 5.55 15.19
C ASP B 123 -1.54 4.85 13.89
N ALA B 124 -0.50 4.00 13.92
CA ALA B 124 -0.05 3.34 12.69
C ALA B 124 -1.07 2.33 12.20
N LEU B 125 -1.65 1.58 13.12
CA LEU B 125 -2.63 0.56 12.75
C LEU B 125 -3.93 1.20 12.32
N ASN B 126 -4.36 2.24 13.04
CA ASN B 126 -5.55 3.00 12.65
C ASN B 126 -5.39 3.73 11.32
N ALA B 127 -4.18 4.22 11.04
CA ALA B 127 -3.92 4.88 9.75
C ALA B 127 -4.11 3.90 8.61
N PHE B 128 -3.79 2.64 8.85
CA PHE B 128 -3.93 1.61 7.82
C PHE B 128 -5.37 1.16 7.60
N SER B 129 -6.12 0.98 8.69
CA SER B 129 -7.45 0.39 8.58
C SER B 129 -8.37 0.71 9.75
N SER B 130 -9.67 0.80 9.46
CA SER B 130 -10.66 1.03 10.50
C SER B 130 -11.20 -0.32 10.98
N GLU B 131 -10.78 -1.40 10.34
CA GLU B 131 -11.26 -2.74 10.70
C GLU B 131 -10.37 -3.35 11.75
N ASP B 132 -10.92 -4.30 12.52
CA ASP B 132 -10.17 -4.87 13.64
C ASP B 132 -9.19 -5.96 13.18
N ASN B 133 -9.54 -6.66 12.11
CA ASN B 133 -8.66 -7.70 11.54
C ASN B 133 -7.80 -7.15 10.42
N ILE B 134 -6.49 -7.24 10.59
CA ILE B 134 -5.53 -6.58 9.72
C ILE B 134 -4.82 -7.61 8.85
N ASP B 135 -4.90 -7.43 7.55
CA ASP B 135 -4.10 -8.17 6.59
C ASP B 135 -2.64 -7.66 6.74
N TYR B 136 -1.81 -8.40 7.47
CA TYR B 136 -0.50 -7.86 7.84
C TYR B 136 0.45 -7.81 6.66
N LYS B 137 0.16 -8.58 5.61
CA LYS B 137 0.95 -8.43 4.38
C LYS B 137 0.70 -7.07 3.72
N LEU B 138 -0.56 -6.70 3.56
CA LEU B 138 -0.89 -5.37 3.03
C LEU B 138 -0.45 -4.25 4.00
N PHE B 139 -0.53 -4.48 5.31
CA PHE B 139 -0.03 -3.49 6.27
C PHE B 139 1.48 -3.26 6.05
N CYS B 140 2.22 -4.33 5.82
CA CYS B 140 3.64 -4.22 5.48
C CYS B 140 3.93 -3.53 4.12
N GLU B 141 3.19 -3.88 3.07
CA GLU B 141 3.30 -3.14 1.79
C GLU B 141 3.10 -1.66 2.01
N ASP B 142 2.14 -1.31 2.85
CA ASP B 142 1.77 0.09 3.05
C ASP B 142 2.85 0.89 3.77
N ILE B 143 3.44 0.30 4.82
CA ILE B 143 4.47 0.97 5.59
C ILE B 143 5.80 1.01 4.83
N LEU B 144 5.94 0.11 3.87
CA LEU B 144 7.16 0.03 3.07
C LEU B 144 7.24 1.19 2.08
N GLN B 145 6.13 1.92 1.92
CA GLN B 145 6.07 3.04 1.01
C GLN B 145 6.81 4.25 1.58
N ASN C 1 -2.26 4.36 1.57
CA ASN C 1 -1.99 4.24 0.14
C ASN C 1 -2.40 2.91 -0.47
N ILE C 2 -2.16 1.81 0.23
CA ILE C 2 -2.36 0.48 -0.37
C ILE C 2 -3.84 0.22 -0.68
N SER C 4 -6.11 2.42 -1.38
CA SER C 4 -6.44 3.21 -2.56
C SER C 4 -5.92 2.53 -3.81
N LEU C 5 -4.72 1.95 -3.74
CA LEU C 5 -4.20 1.19 -4.90
C LEU C 5 -5.13 0.04 -5.33
N LEU C 6 -5.69 -0.67 -4.37
CA LEU C 6 -6.64 -1.74 -4.71
C LEU C 6 -7.84 -1.23 -5.47
N ARG C 7 -8.29 -0.02 -5.15
CA ARG C 7 -9.42 0.54 -5.85
C ARG C 7 -9.03 0.90 -7.29
N VAL C 8 -7.80 1.37 -7.47
CA VAL C 8 -7.28 1.63 -8.81
C VAL C 8 -7.20 0.35 -9.64
N GLN C 9 -6.66 -0.70 -9.04
CA GLN C 9 -6.48 -1.95 -9.75
C GLN C 9 -7.85 -2.56 -10.03
N ALA C 10 -8.80 -2.33 -9.13
CA ALA C 10 -10.14 -2.87 -9.32
C ALA C 10 -10.84 -2.22 -10.51
N HIS C 11 -10.67 -0.91 -10.64
CA HIS C 11 -11.33 -0.21 -11.76
C HIS C 11 -10.64 -0.54 -13.05
N ILE C 12 -9.34 -0.79 -13.00
CA ILE C 12 -8.63 -1.22 -14.21
C ILE C 12 -9.14 -2.60 -14.64
N ARG C 13 -9.38 -3.51 -13.70
CA ARG C 13 -9.84 -4.83 -14.07
C ARG C 13 -11.26 -4.78 -14.61
N LYS C 14 -12.04 -3.88 -14.06
CA LYS C 14 -13.39 -3.61 -14.57
C LYS C 14 -13.37 -3.15 -16.01
N LYS C 15 -12.47 -2.22 -16.35
CA LYS C 15 -12.32 -1.77 -17.75
C LYS C 15 -11.88 -2.88 -18.72
N MET C 16 -11.09 -3.84 -18.24
CA MET C 16 -10.62 -4.95 -19.09
C MET C 16 -11.81 -5.75 -19.55
N VAL C 17 -12.67 -6.06 -18.59
CA VAL C 17 -13.92 -6.73 -18.85
C VAL C 17 -14.88 -5.79 -19.53
N ASN D 1 13.12 -13.71 13.70
CA ASN D 1 11.93 -12.86 13.68
C ASN D 1 12.26 -11.46 14.14
N ILE D 2 13.11 -11.34 15.14
CA ILE D 2 13.31 -10.04 15.79
C ILE D 2 13.92 -8.98 14.85
N SER D 4 13.54 -8.71 11.68
CA SER D 4 12.49 -8.29 10.78
C SER D 4 11.56 -7.32 11.48
N LEU D 5 11.34 -7.51 12.78
CA LEU D 5 10.49 -6.57 13.54
C LEU D 5 11.11 -5.17 13.58
N LEU D 6 12.42 -5.10 13.80
CA LEU D 6 13.11 -3.82 13.77
C LEU D 6 12.90 -3.10 12.44
N ARG D 7 12.85 -3.85 11.35
CA ARG D 7 12.64 -3.21 10.05
C ARG D 7 11.21 -2.65 9.97
N VAL D 8 10.24 -3.38 10.49
CA VAL D 8 8.85 -2.92 10.57
C VAL D 8 8.68 -1.65 11.41
N GLN D 9 9.23 -1.67 12.62
CA GLN D 9 9.21 -0.48 13.44
C GLN D 9 9.91 0.69 12.77
N ALA D 10 10.99 0.39 12.06
CA ALA D 10 11.76 1.46 11.39
C ALA D 10 10.92 2.19 10.35
N HIS D 11 10.18 1.45 9.55
CA HIS D 11 9.31 2.06 8.57
C HIS D 11 8.09 2.77 9.14
N ILE D 12 7.59 2.31 10.29
CA ILE D 12 6.50 3.01 11.00
C ILE D 12 6.97 4.38 11.50
N ARG D 13 8.18 4.41 12.05
CA ARG D 13 8.73 5.68 12.53
C ARG D 13 8.99 6.62 11.36
N LYS D 14 9.44 6.05 10.24
CA LYS D 14 9.60 6.77 8.99
C LYS D 14 8.25 7.45 8.66
N LYS D 15 7.11 6.70 8.45
CA LYS D 15 5.78 7.28 8.29
C LYS D 15 5.43 8.31 9.35
N MET D 16 5.93 8.17 10.53
CA MET D 16 5.49 8.99 11.63
C MET D 16 5.80 10.46 11.39
N VAL D 17 6.95 10.71 10.77
CA VAL D 17 7.38 12.08 10.46
C VAL D 17 6.59 12.71 9.31
#